data_4IEI
#
_entry.id   4IEI
#
_cell.length_a   57.468
_cell.length_b   63.213
_cell.length_c   149.779
_cell.angle_alpha   90.00
_cell.angle_beta   90.00
_cell.angle_gamma   90.00
#
_symmetry.space_group_name_H-M   'P 21 21 21'
#
loop_
_entity.id
_entity.type
_entity.pdbx_description
1 polymer 'Gene 2 protein'
2 non-polymer "ADENOSINE-5'-DIPHOSPHATE"
3 water water
#
_entity_poly.entity_id   1
_entity_poly.type   'polypeptide(L)'
_entity_poly.pdbx_seq_one_letter_code
;MGSSHHHHHHSSGLVPAGSHMTSINPIFEPFIEAHRYKVAKGGRGSGKSWAIARLLVEAARRQPVRILCARELQNSISDS
VIRLLEDTIEREGYSAEFEIQRSMIRHLGTNAEFMFYGIKNNPTKIKSLEGIDICWVEEAEAVTKESWDILIPTIRKPFS
EIWVSFNPKNILDDTYQRFVVNPPDDICLLTVNYTDNPHFPEVLRLEMEECKRRNPTLYRHIWLGEPVSASDMAIIKREW
LEAATDAHKKLGWKAKGAVVSAHDPSDTGPDAKGYASRHGSVVKRIAEGLLMDINEGADWATSLAIEDGADHYLWDGDGV
GAGLRRQTTEAFSGKKITATMFKGSESPFDEDAPYQAGAWADEVVQGDNVRTIGDVFRNKRAQFYYALADRLYLTYRAVV
HGEYADPDDMLSFDKEAIGEKMLEKLFAELTQIQRKFNNNGKLELMTKVEMKQKLGIPSPNLADALMMCMHCPALVREET
EIYVPSSSGW
;
_entity_poly.pdbx_strand_id   A
#
loop_
_chem_comp.id
_chem_comp.type
_chem_comp.name
_chem_comp.formula
ADP non-polymer ADENOSINE-5'-DIPHOSPHATE 'C10 H15 N5 O10 P2'
#
# COMPACT_ATOMS: atom_id res chain seq x y z
N ASN A 25 33.78 -3.10 4.90
CA ASN A 25 32.88 -3.39 3.79
C ASN A 25 32.86 -2.29 2.71
N PRO A 26 33.75 -2.41 1.70
CA PRO A 26 34.22 -1.35 0.78
C PRO A 26 33.17 -0.39 0.21
N ILE A 27 32.01 -0.92 -0.16
CA ILE A 27 30.94 -0.11 -0.75
C ILE A 27 30.49 1.06 0.15
N PHE A 28 30.81 0.98 1.44
CA PHE A 28 30.36 1.99 2.39
C PHE A 28 31.37 3.09 2.66
N GLU A 29 32.56 2.97 2.09
CA GLU A 29 33.60 3.99 2.26
C GLU A 29 33.13 5.43 2.07
N PRO A 30 32.21 5.70 1.13
CA PRO A 30 31.74 7.09 1.04
C PRO A 30 31.06 7.62 2.32
N PHE A 31 30.59 6.74 3.22
CA PHE A 31 29.99 7.20 4.47
C PHE A 31 31.03 7.74 5.46
N ILE A 32 32.31 7.59 5.13
CA ILE A 32 33.38 8.09 5.98
C ILE A 32 33.66 9.56 5.68
N GLU A 33 33.34 9.97 4.45
CA GLU A 33 33.52 11.36 4.05
C GLU A 33 32.34 12.19 4.57
N ALA A 34 32.50 13.51 4.62
CA ALA A 34 31.41 14.37 5.06
C ALA A 34 30.33 14.49 3.99
N HIS A 35 29.08 14.24 4.40
CA HIS A 35 27.92 14.52 3.57
C HIS A 35 26.78 14.77 4.54
N ARG A 36 25.93 15.74 4.24
CA ARG A 36 24.77 16.03 5.08
C ARG A 36 23.81 14.81 5.19
N TYR A 37 23.58 14.12 4.08
CA TYR A 37 22.72 12.93 4.06
C TYR A 37 23.48 11.70 3.60
N LYS A 38 23.43 10.67 4.41
CA LYS A 38 23.99 9.39 4.04
C LYS A 38 22.89 8.35 4.10
N VAL A 39 22.48 7.85 2.94
CA VAL A 39 21.32 7.01 2.87
C VAL A 39 21.70 5.69 2.25
N ALA A 40 21.46 4.62 2.99
CA ALA A 40 21.72 3.27 2.51
C ALA A 40 20.41 2.55 2.31
N LYS A 41 20.04 2.28 1.06
CA LYS A 41 18.82 1.55 0.82
C LYS A 41 19.10 0.18 0.20
N GLY A 42 18.35 -0.81 0.63
CA GLY A 42 18.52 -2.14 0.10
C GLY A 42 17.62 -3.15 0.77
N GLY A 43 17.69 -4.39 0.29
CA GLY A 43 16.89 -5.45 0.85
C GLY A 43 17.49 -6.11 2.08
N ARG A 44 16.86 -7.19 2.47
CA ARG A 44 17.22 -7.92 3.67
C ARG A 44 18.58 -8.59 3.50
N GLY A 45 19.41 -8.52 4.55
CA GLY A 45 20.70 -9.18 4.58
C GLY A 45 21.81 -8.53 3.77
N SER A 46 21.63 -7.24 3.47
CA SER A 46 22.58 -6.51 2.64
C SER A 46 23.85 -6.14 3.40
N GLY A 47 23.78 -6.15 4.72
CA GLY A 47 24.92 -5.75 5.54
C GLY A 47 24.91 -4.27 5.88
N LYS A 48 23.86 -3.55 5.49
CA LYS A 48 23.83 -2.11 5.71
C LYS A 48 23.79 -1.71 7.20
N SER A 49 23.15 -2.55 8.02
CA SER A 49 22.99 -2.23 9.43
C SER A 49 24.30 -2.44 10.17
N TRP A 50 24.94 -3.58 9.91
CA TRP A 50 26.23 -3.90 10.49
C TRP A 50 27.30 -2.88 10.09
N ALA A 51 27.27 -2.44 8.83
CA ALA A 51 28.19 -1.43 8.32
C ALA A 51 28.02 -0.10 9.06
N ILE A 52 26.79 0.41 9.11
CA ILE A 52 26.54 1.68 9.78
C ILE A 52 26.89 1.63 11.28
N ALA A 53 26.49 0.56 11.97
CA ALA A 53 26.80 0.43 13.39
C ALA A 53 28.31 0.42 13.57
N ARG A 54 29.01 -0.27 12.69
CA ARG A 54 30.46 -0.29 12.77
C ARG A 54 31.07 1.09 12.58
N LEU A 55 30.65 1.80 11.53
CA LEU A 55 31.18 3.15 11.28
C LEU A 55 30.84 4.11 12.41
N LEU A 56 29.65 3.98 12.99
CA LEU A 56 29.25 4.86 14.07
C LEU A 56 30.09 4.59 15.32
N VAL A 57 30.31 3.32 15.63
CA VAL A 57 31.19 2.97 16.75
C VAL A 57 32.61 3.53 16.56
N GLU A 58 33.17 3.36 15.37
CA GLU A 58 34.53 3.82 15.10
C GLU A 58 34.64 5.36 15.18
N ALA A 59 33.56 6.04 14.78
CA ALA A 59 33.51 7.48 14.88
C ALA A 59 33.50 7.91 16.34
N ALA A 60 32.69 7.22 17.13
CA ALA A 60 32.57 7.52 18.56
C ALA A 60 33.89 7.33 19.30
N ARG A 61 34.73 6.44 18.78
CA ARG A 61 36.01 6.19 19.44
C ARG A 61 36.99 7.32 19.15
N ARG A 62 36.65 8.20 18.22
CA ARG A 62 37.64 9.17 17.74
C ARG A 62 37.21 10.64 17.86
N GLN A 63 35.91 10.87 17.89
CA GLN A 63 35.36 12.22 17.94
C GLN A 63 34.34 12.29 19.08
N PRO A 64 34.28 13.42 19.78
CA PRO A 64 33.29 13.57 20.85
C PRO A 64 31.89 13.84 20.26
N VAL A 65 31.36 12.90 19.49
CA VAL A 65 30.08 13.10 18.81
C VAL A 65 28.87 12.70 19.65
N ARG A 66 27.80 13.50 19.57
CA ARG A 66 26.51 13.14 20.13
C ARG A 66 25.69 12.47 19.01
N ILE A 67 25.29 11.24 19.22
CA ILE A 67 24.67 10.46 18.16
C ILE A 67 23.26 10.08 18.54
N LEU A 68 22.30 10.54 17.76
CA LEU A 68 20.92 10.14 18.01
C LEU A 68 20.57 8.96 17.10
N CYS A 69 20.12 7.87 17.71
CA CYS A 69 19.55 6.78 16.96
C CYS A 69 18.05 6.89 17.08
N ALA A 70 17.39 7.04 15.94
CA ALA A 70 15.97 7.31 15.93
C ALA A 70 15.21 6.32 15.06
N ARG A 71 13.93 6.14 15.39
CA ARG A 71 13.04 5.32 14.59
C ARG A 71 11.62 5.84 14.76
N GLU A 72 10.73 5.40 13.87
CA GLU A 72 9.33 5.82 13.95
C GLU A 72 8.73 5.47 15.31
N LEU A 73 8.84 4.21 15.69
CA LEU A 73 8.20 3.76 16.92
C LEU A 73 9.14 2.96 17.80
N GLN A 74 9.26 3.35 19.05
CA GLN A 74 10.11 2.64 20.00
C GLN A 74 9.30 2.37 21.25
N ASN A 75 8.62 1.23 21.29
CA ASN A 75 7.83 0.88 22.47
C ASN A 75 8.67 0.42 23.67
N SER A 76 9.85 -0.13 23.41
CA SER A 76 10.83 -0.38 24.46
C SER A 76 12.24 -0.20 23.90
N ILE A 77 13.23 -0.12 24.78
CA ILE A 77 14.61 0.08 24.35
C ILE A 77 15.08 -1.06 23.45
N SER A 78 14.56 -2.26 23.68
CA SER A 78 14.91 -3.42 22.84
C SER A 78 14.51 -3.29 21.36
N ASP A 79 13.69 -2.31 21.00
CA ASP A 79 13.34 -2.10 19.59
C ASP A 79 14.41 -1.25 18.89
N SER A 80 15.26 -0.59 19.67
CA SER A 80 16.29 0.29 19.10
C SER A 80 17.52 -0.50 18.66
N VAL A 81 18.53 0.21 18.14
CA VAL A 81 19.75 -0.44 17.67
C VAL A 81 20.81 -0.60 18.76
N ILE A 82 20.44 -0.37 20.01
CA ILE A 82 21.46 -0.33 21.06
C ILE A 82 22.15 -1.69 21.22
N ARG A 83 21.39 -2.75 21.00
CA ARG A 83 21.92 -4.11 21.11
C ARG A 83 22.88 -4.41 19.96
N LEU A 84 22.53 -3.95 18.76
CA LEU A 84 23.41 -4.07 17.61
C LEU A 84 24.73 -3.33 17.86
N LEU A 85 24.66 -2.13 18.41
CA LEU A 85 25.88 -1.36 18.72
C LEU A 85 26.74 -2.04 19.81
N GLU A 86 26.09 -2.59 20.81
CA GLU A 86 26.79 -3.32 21.86
C GLU A 86 27.52 -4.53 21.29
N ASP A 87 26.82 -5.31 20.44
CA ASP A 87 27.40 -6.49 19.76
C ASP A 87 28.63 -6.11 18.91
N THR A 88 28.50 -5.02 18.16
CA THR A 88 29.60 -4.50 17.33
C THR A 88 30.79 -4.19 18.20
N ILE A 89 30.54 -3.42 19.25
CA ILE A 89 31.57 -3.07 20.23
C ILE A 89 32.25 -4.32 20.77
N GLU A 90 31.44 -5.29 21.19
CA GLU A 90 32.01 -6.52 21.75
C GLU A 90 32.75 -7.33 20.67
N ARG A 91 32.13 -7.40 19.49
CA ARG A 91 32.70 -8.13 18.36
C ARG A 91 34.13 -7.67 18.04
N GLU A 92 34.34 -6.36 17.98
CA GLU A 92 35.63 -5.82 17.63
C GLU A 92 36.59 -5.74 18.83
N GLY A 93 36.11 -6.09 20.03
CA GLY A 93 36.96 -6.07 21.21
C GLY A 93 37.22 -4.69 21.79
N TYR A 94 36.20 -3.84 21.73
CA TYR A 94 36.30 -2.46 22.18
C TYR A 94 35.61 -2.25 23.52
N SER A 95 35.13 -3.34 24.13
CA SER A 95 34.31 -3.27 25.34
C SER A 95 34.87 -2.35 26.43
N ALA A 96 36.16 -2.49 26.72
CA ALA A 96 36.76 -1.72 27.82
C ALA A 96 36.82 -0.22 27.53
N GLU A 97 36.51 0.19 26.31
CA GLU A 97 36.54 1.61 25.95
C GLU A 97 35.21 2.33 26.26
N PHE A 98 34.19 1.57 26.61
CA PHE A 98 32.84 2.10 26.66
C PHE A 98 32.14 1.97 28.02
N GLU A 99 31.24 2.90 28.27
CA GLU A 99 30.26 2.78 29.33
C GLU A 99 28.93 2.39 28.72
N ILE A 100 28.31 1.37 29.29
CA ILE A 100 27.05 0.86 28.78
C ILE A 100 25.95 0.89 29.84
N GLN A 101 24.87 1.62 29.54
CA GLN A 101 23.70 1.64 30.41
C GLN A 101 22.51 1.11 29.62
N ARG A 102 21.36 1.06 30.28
CA ARG A 102 20.12 0.52 29.69
C ARG A 102 19.75 1.23 28.39
N SER A 103 19.89 2.55 28.36
CA SER A 103 19.46 3.33 27.20
C SER A 103 20.53 4.29 26.70
N MET A 104 21.78 3.99 27.00
CA MET A 104 22.86 4.87 26.59
C MET A 104 24.18 4.12 26.39
N ILE A 105 24.98 4.57 25.43
CA ILE A 105 26.36 4.11 25.26
C ILE A 105 27.29 5.31 25.21
N ARG A 106 28.38 5.28 25.99
CA ARG A 106 29.30 6.40 26.03
C ARG A 106 30.74 5.92 25.87
N HIS A 107 31.54 6.64 25.08
CA HIS A 107 32.95 6.28 24.93
C HIS A 107 33.76 7.01 26.01
N LEU A 108 34.64 6.27 26.70
CA LEU A 108 35.33 6.78 27.88
C LEU A 108 36.47 7.74 27.54
N GLY A 109 36.95 7.71 26.30
CA GLY A 109 38.00 8.58 25.85
C GLY A 109 37.47 9.89 25.27
N THR A 110 36.58 9.77 24.28
CA THR A 110 36.08 10.96 23.58
C THR A 110 34.89 11.61 24.28
N ASN A 111 34.21 10.84 25.13
CA ASN A 111 32.92 11.25 25.70
C ASN A 111 31.77 11.26 24.67
N ALA A 112 32.01 10.72 23.48
CA ALA A 112 30.94 10.47 22.51
C ALA A 112 29.79 9.72 23.18
N GLU A 113 28.56 9.99 22.75
CA GLU A 113 27.38 9.41 23.39
C GLU A 113 26.31 8.99 22.38
N PHE A 114 25.80 7.76 22.52
CA PHE A 114 24.61 7.32 21.78
C PHE A 114 23.36 7.48 22.63
N MET A 115 22.29 7.94 22.01
CA MET A 115 20.98 7.97 22.64
C MET A 115 19.93 7.44 21.66
N PHE A 116 18.79 6.98 22.19
CA PHE A 116 17.84 6.20 21.41
C PHE A 116 16.41 6.65 21.69
N TYR A 117 15.75 7.22 20.69
CA TYR A 117 14.35 7.62 20.87
C TYR A 117 13.47 7.20 19.70
N GLY A 118 12.20 6.98 20.01
CA GLY A 118 11.17 6.87 19.00
C GLY A 118 10.59 8.25 18.71
N ILE A 119 10.34 8.54 17.44
CA ILE A 119 9.83 9.86 17.08
C ILE A 119 8.37 10.04 17.47
N LYS A 120 7.53 9.10 17.07
CA LYS A 120 6.11 9.12 17.43
C LYS A 120 5.88 9.10 18.95
N ASN A 121 6.72 8.36 19.67
CA ASN A 121 6.60 8.24 21.13
C ASN A 121 6.69 9.55 21.90
N ASN A 122 7.82 10.23 21.79
CA ASN A 122 8.01 11.51 22.47
C ASN A 122 8.63 12.58 21.56
N PRO A 123 7.82 13.15 20.64
CA PRO A 123 8.29 14.18 19.70
C PRO A 123 8.90 15.36 20.46
N THR A 124 8.27 15.68 21.59
CA THR A 124 8.70 16.81 22.41
C THR A 124 10.15 16.64 22.85
N LYS A 125 10.51 15.46 23.32
CA LYS A 125 11.87 15.23 23.77
C LYS A 125 12.88 15.41 22.63
N ILE A 126 12.52 14.95 21.44
CA ILE A 126 13.42 15.03 20.30
C ILE A 126 13.72 16.48 19.89
N LYS A 127 12.69 17.30 19.79
CA LYS A 127 12.87 18.72 19.50
C LYS A 127 13.82 19.39 20.49
N SER A 128 13.81 18.91 21.73
CA SER A 128 14.56 19.54 22.81
C SER A 128 16.02 19.12 22.81
N LEU A 129 16.34 18.04 22.11
CA LEU A 129 17.71 17.53 22.06
C LEU A 129 18.68 18.58 21.49
N GLU A 130 19.86 18.69 22.10
CA GLU A 130 20.84 19.68 21.66
C GLU A 130 22.23 19.09 21.34
N GLY A 131 22.94 19.73 20.42
CA GLY A 131 24.31 19.33 20.10
C GLY A 131 24.44 18.03 19.33
N ILE A 132 23.37 17.59 18.68
CA ILE A 132 23.41 16.33 17.94
C ILE A 132 24.29 16.48 16.69
N ASP A 133 25.30 15.63 16.58
CA ASP A 133 26.23 15.64 15.45
C ASP A 133 25.79 14.69 14.34
N ILE A 134 25.32 13.51 14.74
CA ILE A 134 24.85 12.49 13.80
C ILE A 134 23.51 11.95 14.27
N CYS A 135 22.55 11.88 13.35
CA CYS A 135 21.34 11.13 13.61
C CYS A 135 21.24 9.96 12.64
N TRP A 136 21.16 8.76 13.20
CA TRP A 136 20.88 7.55 12.43
C TRP A 136 19.40 7.23 12.54
N VAL A 137 18.71 7.28 11.42
CA VAL A 137 17.33 6.83 11.38
C VAL A 137 17.34 5.44 10.77
N GLU A 138 16.93 4.47 11.57
CA GLU A 138 17.01 3.07 11.22
C GLU A 138 15.62 2.58 10.85
N GLU A 139 15.55 1.58 9.97
CA GLU A 139 14.28 1.04 9.53
C GLU A 139 13.40 2.18 9.04
N ALA A 140 13.99 3.06 8.25
CA ALA A 140 13.38 4.34 7.97
C ALA A 140 12.19 4.23 7.03
N GLU A 141 11.97 3.05 6.45
CA GLU A 141 10.76 2.83 5.65
C GLU A 141 9.50 3.06 6.48
N ALA A 142 9.62 2.89 7.79
CA ALA A 142 8.47 3.05 8.68
C ALA A 142 8.24 4.51 9.04
N VAL A 143 9.21 5.36 8.72
CA VAL A 143 9.16 6.75 9.17
C VAL A 143 8.24 7.60 8.31
N THR A 144 7.23 8.18 8.96
CA THR A 144 6.18 8.94 8.29
C THR A 144 6.63 10.35 7.93
N LYS A 145 5.79 11.07 7.18
CA LYS A 145 6.11 12.42 6.78
C LYS A 145 6.20 13.39 7.98
N GLU A 146 5.26 13.27 8.91
CA GLU A 146 5.23 14.17 10.07
C GLU A 146 6.44 13.94 10.96
N SER A 147 6.87 12.68 11.02
CA SER A 147 8.09 12.32 11.75
C SER A 147 9.35 12.99 11.17
N TRP A 148 9.59 12.85 9.87
CA TRP A 148 10.70 13.54 9.22
C TRP A 148 10.62 15.04 9.46
N ASP A 149 9.40 15.58 9.47
CA ASP A 149 9.17 17.01 9.61
C ASP A 149 9.47 17.50 11.02
N ILE A 150 9.31 16.61 11.99
CA ILE A 150 9.73 16.88 13.36
C ILE A 150 11.25 16.75 13.46
N LEU A 151 11.76 15.61 13.00
CA LEU A 151 13.15 15.24 13.19
C LEU A 151 14.20 16.12 12.49
N ILE A 152 14.07 16.28 11.18
CA ILE A 152 15.09 16.97 10.39
C ILE A 152 15.46 18.39 10.86
N PRO A 153 14.46 19.23 11.19
CA PRO A 153 14.89 20.55 11.64
C PRO A 153 15.58 20.55 13.01
N THR A 154 15.48 19.46 13.78
CA THR A 154 16.19 19.43 15.06
C THR A 154 17.70 19.17 14.89
N ILE A 155 18.08 18.49 13.82
CA ILE A 155 19.49 18.24 13.52
C ILE A 155 20.07 19.46 12.81
N ARG A 156 20.37 20.51 13.56
CA ARG A 156 20.62 21.82 12.98
C ARG A 156 22.04 22.34 13.20
N LYS A 157 22.81 21.64 14.02
CA LYS A 157 24.21 21.97 14.25
C LYS A 157 24.95 22.00 12.90
N PRO A 158 25.89 22.96 12.74
CA PRO A 158 26.62 22.99 11.47
C PRO A 158 27.42 21.70 11.32
N PHE A 159 27.43 21.19 10.09
CA PHE A 159 28.16 19.97 9.75
C PHE A 159 27.56 18.70 10.35
N SER A 160 26.38 18.82 10.94
CA SER A 160 25.71 17.63 11.44
C SER A 160 25.20 16.78 10.28
N GLU A 161 25.05 15.49 10.51
CA GLU A 161 24.72 14.57 9.44
C GLU A 161 23.49 13.73 9.78
N ILE A 162 22.76 13.35 8.74
CA ILE A 162 21.63 12.46 8.92
C ILE A 162 21.86 11.19 8.11
N TRP A 163 21.95 10.08 8.83
CA TRP A 163 22.22 8.76 8.26
C TRP A 163 20.92 7.98 8.28
N VAL A 164 20.57 7.40 7.14
CA VAL A 164 19.30 6.74 6.96
C VAL A 164 19.54 5.37 6.37
N SER A 165 18.96 4.34 7.00
CA SER A 165 18.98 3.01 6.40
C SER A 165 17.55 2.53 6.29
N PHE A 166 17.20 1.98 5.14
CA PHE A 166 15.86 1.45 4.95
C PHE A 166 15.74 0.45 3.81
N ASN A 167 14.72 -0.40 3.92
CA ASN A 167 14.33 -1.36 2.91
C ASN A 167 13.07 -0.80 2.26
N PRO A 168 13.15 -0.40 0.98
CA PRO A 168 12.00 0.25 0.35
C PRO A 168 10.71 -0.56 0.48
N LYS A 169 9.63 0.11 0.83
CA LYS A 169 8.31 -0.51 0.78
C LYS A 169 7.66 -0.03 -0.50
N ASN A 170 6.94 1.09 -0.42
CA ASN A 170 6.30 1.67 -1.59
C ASN A 170 7.03 2.92 -2.11
N ILE A 171 7.14 3.01 -3.43
CA ILE A 171 7.76 4.16 -4.08
C ILE A 171 7.10 5.50 -3.69
N LEU A 172 5.84 5.46 -3.28
CA LEU A 172 5.11 6.67 -2.92
C LEU A 172 5.23 7.03 -1.42
N ASP A 173 5.76 6.10 -0.63
CA ASP A 173 6.05 6.37 0.79
C ASP A 173 7.00 7.53 0.92
N ASP A 174 6.82 8.33 1.98
CA ASP A 174 7.55 9.58 2.10
C ASP A 174 9.06 9.37 2.07
N THR A 175 9.52 8.35 2.78
CA THR A 175 10.95 8.10 2.88
C THR A 175 11.59 7.87 1.49
N TYR A 176 10.94 7.08 0.64
CA TYR A 176 11.46 6.85 -0.72
C TYR A 176 11.36 8.10 -1.57
N GLN A 177 10.25 8.85 -1.40
CA GLN A 177 10.06 10.12 -2.13
C GLN A 177 11.17 11.10 -1.77
N ARG A 178 11.40 11.24 -0.47
CA ARG A 178 12.32 12.20 0.11
C ARG A 178 13.79 12.00 -0.29
N PHE A 179 14.24 10.75 -0.42
CA PHE A 179 15.69 10.52 -0.62
C PHE A 179 16.07 9.92 -1.96
N VAL A 180 15.08 9.49 -2.73
CA VAL A 180 15.38 8.87 -4.01
C VAL A 180 14.75 9.63 -5.17
N VAL A 181 13.47 9.97 -5.05
CA VAL A 181 12.72 10.61 -6.13
C VAL A 181 12.99 12.11 -6.19
N ASN A 182 12.79 12.79 -5.07
CA ASN A 182 13.09 14.23 -4.96
C ASN A 182 14.14 14.45 -3.90
N PRO A 183 15.40 14.09 -4.20
CA PRO A 183 16.46 14.07 -3.19
C PRO A 183 16.99 15.46 -2.86
N PRO A 184 17.42 15.67 -1.61
CA PRO A 184 18.01 16.93 -1.14
C PRO A 184 19.43 17.13 -1.67
N ASP A 185 20.00 18.31 -1.46
CA ASP A 185 21.39 18.55 -1.83
C ASP A 185 22.33 17.73 -0.93
N ASP A 186 23.54 17.47 -1.42
CA ASP A 186 24.57 16.80 -0.64
C ASP A 186 24.11 15.46 -0.04
N ILE A 187 23.60 14.58 -0.89
CA ILE A 187 23.22 13.25 -0.44
C ILE A 187 24.19 12.20 -0.98
N CYS A 188 24.64 11.31 -0.11
CA CYS A 188 25.33 10.11 -0.52
C CYS A 188 24.37 8.92 -0.41
N LEU A 189 23.85 8.51 -1.56
CA LEU A 189 22.89 7.42 -1.64
C LEU A 189 23.58 6.15 -2.11
N LEU A 190 23.62 5.13 -1.26
CA LEU A 190 24.14 3.83 -1.65
C LEU A 190 22.99 2.81 -1.80
N THR A 191 23.11 1.93 -2.78
CA THR A 191 22.10 0.88 -2.99
C THR A 191 22.79 -0.47 -2.87
N VAL A 192 22.26 -1.32 -1.99
CA VAL A 192 22.95 -2.54 -1.61
C VAL A 192 21.98 -3.72 -1.50
N ASN A 193 22.41 -4.91 -1.92
CA ASN A 193 21.64 -6.12 -1.64
C ASN A 193 22.57 -7.20 -1.11
N TYR A 194 22.02 -8.38 -0.83
CA TYR A 194 22.80 -9.43 -0.19
C TYR A 194 24.05 -9.85 -0.97
N THR A 195 24.06 -9.62 -2.29
CA THR A 195 25.24 -9.91 -3.08
C THR A 195 26.37 -8.93 -2.77
N ASP A 196 26.03 -7.80 -2.16
CA ASP A 196 27.05 -6.84 -1.74
C ASP A 196 27.56 -7.13 -0.33
N ASN A 197 27.03 -8.21 0.25
CA ASN A 197 27.39 -8.63 1.60
C ASN A 197 28.32 -9.82 1.51
N PRO A 198 29.61 -9.60 1.82
CA PRO A 198 30.64 -10.62 1.71
C PRO A 198 30.52 -11.68 2.81
N HIS A 199 29.79 -11.34 3.87
CA HIS A 199 29.57 -12.29 4.95
C HIS A 199 28.10 -12.67 5.05
N PHE A 200 27.45 -12.76 3.90
CA PHE A 200 26.05 -13.15 3.84
C PHE A 200 25.93 -14.56 4.44
N PRO A 201 25.22 -14.67 5.57
CA PRO A 201 25.21 -15.90 6.36
C PRO A 201 24.20 -16.94 5.84
N GLU A 202 24.50 -18.20 6.11
CA GLU A 202 23.73 -19.32 5.58
C GLU A 202 22.25 -19.23 5.96
N VAL A 203 21.98 -18.96 7.23
CA VAL A 203 20.61 -18.78 7.72
C VAL A 203 19.78 -17.84 6.84
N LEU A 204 20.38 -16.72 6.43
CA LEU A 204 19.69 -15.78 5.53
C LEU A 204 19.66 -16.28 4.08
N ARG A 205 20.72 -16.97 3.66
CA ARG A 205 20.77 -17.50 2.29
C ARG A 205 19.66 -18.52 2.03
N LEU A 206 19.57 -19.52 2.89
CA LEU A 206 18.51 -20.53 2.82
C LEU A 206 17.13 -19.86 2.71
N GLU A 207 16.86 -18.90 3.60
CA GLU A 207 15.58 -18.19 3.60
C GLU A 207 15.36 -17.43 2.29
N MET A 208 16.44 -16.84 1.77
CA MET A 208 16.40 -16.09 0.51
C MET A 208 16.11 -17.02 -0.67
N GLU A 209 16.87 -18.12 -0.78
CA GLU A 209 16.65 -19.09 -1.87
C GLU A 209 15.23 -19.68 -1.84
N GLU A 210 14.77 -20.03 -0.64
CA GLU A 210 13.43 -20.56 -0.45
C GLU A 210 12.42 -19.53 -0.95
N CYS A 211 12.59 -18.27 -0.57
CA CYS A 211 11.66 -17.24 -1.03
C CYS A 211 11.72 -17.01 -2.52
N LYS A 212 12.94 -17.00 -3.08
CA LYS A 212 13.14 -16.81 -4.52
C LYS A 212 12.32 -17.84 -5.33
N ARG A 213 12.34 -19.10 -4.89
CA ARG A 213 11.57 -20.13 -5.59
C ARG A 213 10.05 -20.00 -5.42
N ARG A 214 9.60 -19.78 -4.19
CA ARG A 214 8.18 -19.84 -3.88
C ARG A 214 7.38 -18.67 -4.44
N ASN A 215 8.03 -17.52 -4.58
CA ASN A 215 7.33 -16.29 -4.91
C ASN A 215 8.33 -15.24 -5.40
N PRO A 216 8.74 -15.33 -6.67
CA PRO A 216 9.77 -14.46 -7.26
C PRO A 216 9.49 -12.97 -7.10
N THR A 217 8.23 -12.55 -7.22
CA THR A 217 7.89 -11.15 -7.04
C THR A 217 8.16 -10.70 -5.59
N LEU A 218 7.81 -11.55 -4.63
CA LEU A 218 8.02 -11.18 -3.25
C LEU A 218 9.53 -11.10 -3.01
N TYR A 219 10.26 -12.02 -3.63
CA TYR A 219 11.71 -12.09 -3.50
C TYR A 219 12.42 -10.79 -3.91
N ARG A 220 12.03 -10.22 -5.04
CA ARG A 220 12.65 -8.99 -5.55
C ARG A 220 12.39 -7.80 -4.63
N HIS A 221 11.22 -7.80 -4.00
CA HIS A 221 10.87 -6.74 -3.06
C HIS A 221 11.67 -6.91 -1.77
N ILE A 222 11.58 -8.09 -1.17
CA ILE A 222 12.21 -8.32 0.12
C ILE A 222 13.72 -8.39 0.00
N TRP A 223 14.21 -9.18 -0.95
CA TRP A 223 15.63 -9.51 -1.02
C TRP A 223 16.46 -8.64 -1.97
N LEU A 224 15.85 -8.11 -3.04
CA LEU A 224 16.57 -7.23 -3.95
C LEU A 224 16.25 -5.78 -3.66
N GLY A 225 15.34 -5.55 -2.72
CA GLY A 225 15.02 -4.20 -2.31
C GLY A 225 14.16 -3.35 -3.25
N GLU A 226 13.55 -3.98 -4.26
CA GLU A 226 12.71 -3.21 -5.19
C GLU A 226 11.42 -2.75 -4.52
N PRO A 227 11.10 -1.45 -4.64
CA PRO A 227 9.89 -0.98 -3.97
C PRO A 227 8.63 -1.44 -4.72
N VAL A 228 7.49 -1.45 -4.03
CA VAL A 228 6.22 -1.66 -4.71
C VAL A 228 5.94 -0.42 -5.54
N SER A 229 5.70 -0.60 -6.84
CA SER A 229 5.32 0.52 -7.69
C SER A 229 4.24 0.15 -8.71
N ALA A 230 3.66 1.15 -9.33
CA ALA A 230 2.63 0.90 -10.33
C ALA A 230 3.26 0.34 -11.59
N SER A 231 2.73 -0.77 -12.07
CA SER A 231 3.03 -1.24 -13.41
C SER A 231 2.65 -0.13 -14.38
N ASP A 232 3.39 -0.03 -15.49
CA ASP A 232 3.07 0.91 -16.53
C ASP A 232 1.76 0.51 -17.22
N MET A 233 1.29 -0.71 -16.98
CA MET A 233 0.00 -1.18 -17.49
C MET A 233 -1.14 -0.97 -16.47
N ALA A 234 -0.83 -0.45 -15.28
CA ALA A 234 -1.87 -0.27 -14.29
C ALA A 234 -2.90 0.71 -14.80
N ILE A 235 -4.16 0.57 -14.38
CA ILE A 235 -5.23 1.42 -14.89
C ILE A 235 -5.73 2.43 -13.90
N ILE A 236 -5.40 2.22 -12.63
CA ILE A 236 -5.87 3.12 -11.60
C ILE A 236 -4.69 3.58 -10.76
N LYS A 237 -4.47 4.90 -10.70
CA LYS A 237 -3.33 5.44 -9.94
C LYS A 237 -3.68 5.77 -8.49
N ARG A 238 -2.73 5.49 -7.61
CA ARG A 238 -2.85 5.76 -6.18
C ARG A 238 -3.23 7.21 -5.86
N GLU A 239 -2.62 8.15 -6.56
CA GLU A 239 -2.94 9.55 -6.31
C GLU A 239 -4.40 9.86 -6.63
N TRP A 240 -5.02 9.11 -7.55
CA TRP A 240 -6.45 9.30 -7.84
C TRP A 240 -7.23 8.87 -6.62
N LEU A 241 -6.86 7.70 -6.09
CA LEU A 241 -7.55 7.16 -4.93
C LEU A 241 -7.47 8.11 -3.73
N GLU A 242 -6.30 8.71 -3.50
CA GLU A 242 -6.12 9.62 -2.37
C GLU A 242 -6.99 10.86 -2.57
N ALA A 243 -6.97 11.40 -3.79
CA ALA A 243 -7.84 12.53 -4.08
C ALA A 243 -9.28 12.11 -3.87
N ALA A 244 -9.61 10.87 -4.23
CA ALA A 244 -11.00 10.41 -4.19
C ALA A 244 -11.52 10.19 -2.78
N THR A 245 -10.60 9.94 -1.85
CA THR A 245 -10.96 9.77 -0.44
C THR A 245 -11.61 11.05 0.09
N ASP A 246 -12.86 10.95 0.55
CA ASP A 246 -13.61 12.12 1.03
C ASP A 246 -13.73 13.24 0.01
N ALA A 247 -13.65 12.90 -1.26
CA ALA A 247 -13.77 13.92 -2.30
C ALA A 247 -15.12 14.64 -2.22
N HIS A 248 -16.16 13.93 -1.79
CA HIS A 248 -17.46 14.55 -1.65
C HIS A 248 -17.46 15.62 -0.54
N LYS A 249 -16.62 15.40 0.48
CA LYS A 249 -16.44 16.42 1.52
C LYS A 249 -15.56 17.54 0.99
N LYS A 250 -14.53 17.21 0.23
CA LYS A 250 -13.67 18.24 -0.32
C LYS A 250 -14.40 19.18 -1.27
N LEU A 251 -15.25 18.61 -2.12
CA LEU A 251 -15.93 19.37 -3.16
C LEU A 251 -17.32 19.85 -2.78
N GLY A 252 -17.81 19.42 -1.61
CA GLY A 252 -19.09 19.91 -1.11
C GLY A 252 -20.35 19.33 -1.74
N TRP A 253 -20.43 18.01 -1.87
CA TRP A 253 -21.66 17.39 -2.37
C TRP A 253 -22.03 16.12 -1.58
N LYS A 254 -23.31 15.75 -1.65
CA LYS A 254 -23.92 14.66 -0.89
C LYS A 254 -24.13 13.43 -1.75
N ALA A 255 -24.27 12.27 -1.12
CA ALA A 255 -24.59 11.04 -1.82
C ALA A 255 -26.04 11.08 -2.31
N LYS A 256 -26.24 10.85 -3.59
CA LYS A 256 -27.59 10.77 -4.15
C LYS A 256 -27.65 9.64 -5.16
N GLY A 257 -28.67 8.80 -5.03
CA GLY A 257 -28.90 7.71 -5.97
C GLY A 257 -29.33 6.43 -5.27
N ALA A 258 -29.23 5.32 -5.98
CA ALA A 258 -29.59 4.02 -5.43
C ALA A 258 -28.42 3.48 -4.64
N VAL A 259 -28.68 2.50 -3.80
CA VAL A 259 -27.59 1.80 -3.13
C VAL A 259 -27.27 0.56 -3.96
N VAL A 260 -26.01 0.44 -4.36
CA VAL A 260 -25.58 -0.75 -5.06
C VAL A 260 -24.57 -1.52 -4.19
N SER A 261 -24.76 -2.82 -4.03
CA SER A 261 -23.79 -3.69 -3.34
C SER A 261 -23.33 -4.82 -4.25
N ALA A 262 -22.09 -5.27 -4.05
CA ALA A 262 -21.62 -6.43 -4.79
C ALA A 262 -20.77 -7.36 -3.94
N HIS A 263 -20.80 -8.63 -4.30
CA HIS A 263 -20.13 -9.66 -3.54
C HIS A 263 -19.20 -10.45 -4.43
N ASP A 264 -17.96 -10.61 -3.99
CA ASP A 264 -17.05 -11.47 -4.72
C ASP A 264 -16.82 -12.73 -3.90
N PRO A 265 -17.38 -13.85 -4.36
CA PRO A 265 -17.35 -15.13 -3.64
C PRO A 265 -15.95 -15.76 -3.61
N SER A 266 -15.00 -15.17 -4.32
CA SER A 266 -13.62 -15.68 -4.26
C SER A 266 -13.57 -17.12 -4.79
N ASP A 267 -12.82 -17.96 -4.09
CA ASP A 267 -12.62 -19.35 -4.52
C ASP A 267 -12.66 -20.27 -3.30
N THR A 268 -12.19 -21.50 -3.47
CA THR A 268 -12.08 -22.41 -2.34
C THR A 268 -10.71 -22.22 -1.69
N GLY A 269 -9.89 -21.38 -2.31
CA GLY A 269 -8.57 -21.05 -1.81
C GLY A 269 -8.64 -20.18 -0.59
N PRO A 270 -7.48 -19.85 -0.01
CA PRO A 270 -7.40 -19.07 1.23
C PRO A 270 -8.00 -17.65 1.09
N ASP A 271 -8.01 -17.11 -0.13
CA ASP A 271 -8.37 -15.70 -0.39
C ASP A 271 -9.70 -15.24 0.23
N ALA A 272 -9.67 -14.04 0.79
CA ALA A 272 -10.84 -13.47 1.47
C ALA A 272 -12.00 -13.17 0.51
N LYS A 273 -13.23 -13.37 0.97
CA LYS A 273 -14.39 -12.94 0.20
C LYS A 273 -14.52 -11.42 0.21
N GLY A 274 -15.08 -10.85 -0.86
CA GLY A 274 -15.21 -9.42 -0.95
C GLY A 274 -16.65 -8.88 -0.96
N TYR A 275 -16.82 -7.70 -0.36
CA TYR A 275 -18.07 -6.99 -0.41
C TYR A 275 -17.81 -5.49 -0.51
N ALA A 276 -18.56 -4.84 -1.39
CA ALA A 276 -18.52 -3.38 -1.52
C ALA A 276 -19.93 -2.83 -1.64
N SER A 277 -20.14 -1.61 -1.15
CA SER A 277 -21.43 -0.97 -1.31
C SER A 277 -21.28 0.54 -1.46
N ARG A 278 -22.08 1.13 -2.34
CA ARG A 278 -22.06 2.58 -2.52
C ARG A 278 -23.47 3.11 -2.53
N HIS A 279 -23.59 4.38 -2.19
CA HIS A 279 -24.82 5.14 -2.33
C HIS A 279 -24.52 6.21 -3.38
N GLY A 280 -25.00 6.01 -4.59
CA GLY A 280 -24.66 6.89 -5.70
C GLY A 280 -23.14 6.91 -5.87
N SER A 281 -22.57 8.10 -5.93
CA SER A 281 -21.13 8.26 -6.13
C SER A 281 -20.28 8.13 -4.84
N VAL A 282 -20.91 7.79 -3.73
CA VAL A 282 -20.17 7.66 -2.47
C VAL A 282 -20.09 6.21 -1.98
N VAL A 283 -18.89 5.63 -2.02
CA VAL A 283 -18.68 4.28 -1.50
C VAL A 283 -18.78 4.37 0.03
N LYS A 284 -19.50 3.44 0.64
CA LYS A 284 -19.76 3.52 2.07
C LYS A 284 -19.36 2.27 2.86
N ARG A 285 -19.13 1.16 2.17
CA ARG A 285 -18.64 -0.04 2.87
C ARG A 285 -17.75 -0.91 1.99
N ILE A 286 -16.65 -1.36 2.59
CA ILE A 286 -15.76 -2.32 1.95
C ILE A 286 -15.52 -3.39 3.00
N ALA A 287 -15.90 -4.64 2.73
CA ALA A 287 -15.70 -5.66 3.76
C ALA A 287 -15.07 -6.96 3.23
N GLU A 288 -14.29 -7.63 4.09
CA GLU A 288 -13.70 -8.92 3.75
C GLU A 288 -14.36 -10.05 4.52
N GLY A 289 -14.48 -11.22 3.89
CA GLY A 289 -15.13 -12.35 4.50
C GLY A 289 -14.15 -13.50 4.65
N LEU A 290 -13.79 -13.82 5.89
CA LEU A 290 -12.75 -14.81 6.17
C LEU A 290 -13.34 -16.14 6.67
N LEU A 291 -12.67 -17.24 6.34
CA LEU A 291 -13.05 -18.56 6.81
C LEU A 291 -14.56 -18.82 6.62
N MET A 292 -15.03 -18.64 5.39
CA MET A 292 -16.41 -18.93 5.04
C MET A 292 -16.45 -19.87 3.86
N ASP A 293 -17.39 -20.80 3.84
CA ASP A 293 -17.66 -21.53 2.61
C ASP A 293 -18.56 -20.68 1.72
N ILE A 294 -19.00 -21.26 0.62
CA ILE A 294 -19.69 -20.47 -0.39
C ILE A 294 -21.05 -19.95 0.09
N ASN A 295 -21.76 -20.77 0.85
CA ASN A 295 -23.08 -20.38 1.34
C ASN A 295 -23.01 -19.38 2.50
N GLU A 296 -22.01 -19.57 3.35
CA GLU A 296 -21.75 -18.63 4.45
C GLU A 296 -21.41 -17.26 3.86
N GLY A 297 -20.59 -17.27 2.82
CA GLY A 297 -20.20 -16.04 2.15
C GLY A 297 -21.40 -15.30 1.57
N ALA A 298 -22.25 -16.03 0.85
CA ALA A 298 -23.48 -15.46 0.28
C ALA A 298 -24.43 -14.92 1.36
N ASP A 299 -24.58 -15.70 2.44
CA ASP A 299 -25.37 -15.26 3.58
C ASP A 299 -24.77 -13.98 4.19
N TRP A 300 -23.45 -13.96 4.35
CA TRP A 300 -22.78 -12.79 4.88
C TRP A 300 -23.02 -11.55 3.99
N ALA A 301 -22.79 -11.70 2.69
CA ALA A 301 -22.88 -10.58 1.75
C ALA A 301 -24.32 -10.10 1.56
N THR A 302 -25.28 -11.02 1.44
CA THR A 302 -26.66 -10.59 1.31
C THR A 302 -27.16 -9.88 2.59
N SER A 303 -26.68 -10.31 3.74
CA SER A 303 -27.04 -9.65 4.98
C SER A 303 -26.46 -8.24 5.04
N LEU A 304 -25.24 -8.09 4.55
CA LEU A 304 -24.68 -6.75 4.51
C LEU A 304 -25.52 -5.89 3.55
N ALA A 305 -25.91 -6.45 2.40
CA ALA A 305 -26.68 -5.66 1.43
C ALA A 305 -27.96 -5.13 2.08
N ILE A 306 -28.63 -6.00 2.83
CA ILE A 306 -29.86 -5.65 3.51
C ILE A 306 -29.57 -4.55 4.54
N GLU A 307 -28.53 -4.76 5.32
CA GLU A 307 -28.16 -3.77 6.30
C GLU A 307 -27.81 -2.41 5.62
N ASP A 308 -27.18 -2.45 4.45
CA ASP A 308 -26.83 -1.23 3.70
C ASP A 308 -28.01 -0.60 2.93
N GLY A 309 -29.19 -1.22 3.02
CA GLY A 309 -30.35 -0.77 2.28
C GLY A 309 -30.18 -0.82 0.77
N ALA A 310 -29.52 -1.86 0.28
CA ALA A 310 -29.27 -1.99 -1.16
C ALA A 310 -30.57 -2.03 -1.97
N ASP A 311 -30.54 -1.33 -3.11
CA ASP A 311 -31.61 -1.45 -4.10
C ASP A 311 -31.18 -2.48 -5.11
N HIS A 312 -29.86 -2.63 -5.26
CA HIS A 312 -29.30 -3.52 -6.27
C HIS A 312 -28.14 -4.32 -5.70
N TYR A 313 -28.13 -5.62 -6.01
CA TYR A 313 -27.08 -6.50 -5.56
C TYR A 313 -26.51 -7.30 -6.74
N LEU A 314 -25.19 -7.38 -6.81
CA LEU A 314 -24.54 -8.21 -7.82
C LEU A 314 -23.58 -9.17 -7.13
N TRP A 315 -23.33 -10.31 -7.74
CA TRP A 315 -22.23 -11.16 -7.28
C TRP A 315 -21.52 -11.78 -8.47
N ASP A 316 -20.25 -12.11 -8.29
CA ASP A 316 -19.47 -12.72 -9.35
C ASP A 316 -19.95 -14.17 -9.56
N GLY A 317 -20.51 -14.44 -10.74
CA GLY A 317 -20.97 -15.78 -11.04
C GLY A 317 -20.05 -16.62 -11.91
N ASP A 318 -18.85 -16.10 -12.20
CA ASP A 318 -17.96 -16.76 -13.17
C ASP A 318 -17.33 -18.05 -12.67
N GLY A 319 -17.29 -18.24 -11.35
CA GLY A 319 -16.67 -19.42 -10.78
C GLY A 319 -17.55 -20.12 -9.78
N VAL A 320 -17.11 -20.19 -8.53
CA VAL A 320 -17.86 -20.88 -7.48
C VAL A 320 -19.23 -20.26 -7.21
N GLY A 321 -19.40 -19.00 -7.62
CA GLY A 321 -20.64 -18.26 -7.40
C GLY A 321 -21.79 -18.59 -8.33
N ALA A 322 -21.51 -19.35 -9.39
CA ALA A 322 -22.51 -19.67 -10.41
C ALA A 322 -23.78 -20.33 -9.85
N GLY A 323 -23.65 -21.04 -8.73
CA GLY A 323 -24.79 -21.72 -8.13
C GLY A 323 -25.54 -20.95 -7.07
N LEU A 324 -25.17 -19.69 -6.86
CA LEU A 324 -25.67 -18.92 -5.73
C LEU A 324 -27.01 -18.22 -5.95
N ARG A 325 -27.57 -18.32 -7.14
CA ARG A 325 -28.74 -17.51 -7.46
C ARG A 325 -29.95 -17.77 -6.56
N ARG A 326 -30.19 -19.04 -6.24
CA ARG A 326 -31.36 -19.39 -5.44
C ARG A 326 -31.23 -18.90 -3.99
N GLN A 327 -30.09 -19.17 -3.38
CA GLN A 327 -29.82 -18.66 -2.03
C GLN A 327 -29.94 -17.13 -2.00
N THR A 328 -29.46 -16.48 -3.07
CA THR A 328 -29.41 -15.03 -3.10
C THR A 328 -30.82 -14.42 -3.17
N THR A 329 -31.62 -14.87 -4.14
CA THR A 329 -32.98 -14.36 -4.26
C THR A 329 -33.86 -14.70 -3.06
N GLU A 330 -33.58 -15.82 -2.40
CA GLU A 330 -34.28 -16.19 -1.18
C GLU A 330 -33.96 -15.25 -0.03
N ALA A 331 -32.69 -14.90 0.09
CA ALA A 331 -32.28 -13.96 1.11
C ALA A 331 -32.95 -12.61 0.94
N PHE A 332 -33.29 -12.24 -0.30
CA PHE A 332 -33.96 -10.98 -0.56
C PHE A 332 -35.49 -11.06 -0.61
N SER A 333 -36.04 -12.25 -0.42
CA SER A 333 -37.49 -12.47 -0.48
C SER A 333 -38.28 -11.45 0.33
N GLY A 334 -39.24 -10.81 -0.31
CA GLY A 334 -40.05 -9.81 0.36
C GLY A 334 -39.47 -8.40 0.31
N LYS A 335 -38.26 -8.26 -0.22
CA LYS A 335 -37.61 -6.95 -0.31
C LYS A 335 -37.37 -6.61 -1.76
N LYS A 336 -37.64 -5.37 -2.15
CA LYS A 336 -37.40 -4.97 -3.53
C LYS A 336 -35.91 -4.70 -3.75
N ILE A 337 -35.15 -5.78 -3.93
CA ILE A 337 -33.72 -5.69 -4.15
C ILE A 337 -33.36 -6.45 -5.42
N THR A 338 -32.81 -5.76 -6.43
CA THR A 338 -32.44 -6.48 -7.64
C THR A 338 -31.25 -7.41 -7.37
N ALA A 339 -31.23 -8.57 -8.02
CA ALA A 339 -30.14 -9.53 -7.87
C ALA A 339 -29.61 -9.95 -9.23
N THR A 340 -28.36 -9.59 -9.51
CA THR A 340 -27.79 -9.83 -10.83
C THR A 340 -26.52 -10.62 -10.76
N MET A 341 -26.45 -11.73 -11.49
CA MET A 341 -25.20 -12.48 -11.62
C MET A 341 -24.27 -11.79 -12.60
N PHE A 342 -23.11 -11.34 -12.11
CA PHE A 342 -22.12 -10.66 -12.94
C PHE A 342 -21.15 -11.69 -13.48
N LYS A 343 -20.99 -11.73 -14.79
CA LYS A 343 -19.96 -12.58 -15.38
C LYS A 343 -18.98 -11.71 -16.16
N GLY A 344 -17.80 -11.51 -15.59
CA GLY A 344 -16.85 -10.58 -16.14
C GLY A 344 -16.31 -11.00 -17.48
N SER A 345 -16.38 -12.30 -17.79
CA SER A 345 -15.85 -12.82 -19.05
C SER A 345 -16.78 -12.60 -20.27
N GLU A 346 -18.05 -12.27 -20.03
CA GLU A 346 -19.04 -12.02 -21.09
C GLU A 346 -18.73 -10.76 -21.89
N SER A 347 -19.28 -10.71 -23.11
CA SER A 347 -19.23 -9.50 -23.92
C SER A 347 -19.76 -8.33 -23.10
N PRO A 348 -19.23 -7.14 -23.37
CA PRO A 348 -19.69 -5.97 -22.61
C PRO A 348 -21.18 -5.73 -22.75
N PHE A 349 -21.74 -5.16 -21.71
CA PHE A 349 -23.12 -4.73 -21.68
C PHE A 349 -23.33 -3.70 -22.77
N ASP A 350 -24.42 -3.88 -23.54
CA ASP A 350 -24.84 -2.96 -24.60
C ASP A 350 -23.76 -2.80 -25.66
N GLU A 351 -23.26 -3.92 -26.17
CA GLU A 351 -22.03 -3.89 -26.95
C GLU A 351 -22.17 -3.25 -28.33
N ASP A 352 -23.40 -3.17 -28.84
CA ASP A 352 -23.61 -2.54 -30.14
C ASP A 352 -23.88 -1.04 -30.04
N ALA A 353 -23.97 -0.52 -28.82
CA ALA A 353 -24.20 0.91 -28.65
C ALA A 353 -22.90 1.67 -28.91
N PRO A 354 -23.00 2.86 -29.55
CA PRO A 354 -21.83 3.70 -29.80
C PRO A 354 -21.08 3.99 -28.50
N TYR A 355 -19.76 4.04 -28.57
CA TYR A 355 -18.97 4.27 -27.36
C TYR A 355 -19.01 5.75 -27.02
N GLN A 356 -19.10 6.06 -25.72
CA GLN A 356 -19.11 7.44 -25.24
C GLN A 356 -18.46 7.58 -23.83
N ALA A 357 -17.74 8.69 -23.63
CA ALA A 357 -17.21 9.10 -22.32
C ALA A 357 -16.31 8.09 -21.60
N VAL A 370 -19.47 4.98 -35.13
CA VAL A 370 -19.22 3.70 -35.78
C VAL A 370 -18.37 2.81 -34.86
N ARG A 371 -17.74 3.42 -33.86
CA ARG A 371 -17.05 2.67 -32.81
C ARG A 371 -18.02 2.29 -31.69
N THR A 372 -18.22 0.99 -31.48
CA THR A 372 -19.14 0.55 -30.44
C THR A 372 -18.46 0.18 -29.11
N ILE A 373 -19.25 0.04 -28.08
CA ILE A 373 -18.78 -0.45 -26.79
C ILE A 373 -18.04 -1.79 -26.97
N GLY A 374 -18.58 -2.66 -27.83
CA GLY A 374 -17.95 -3.91 -28.18
C GLY A 374 -16.61 -3.81 -28.90
N ASP A 375 -16.36 -2.69 -29.59
CA ASP A 375 -15.06 -2.49 -30.24
C ASP A 375 -13.99 -2.10 -29.24
N VAL A 376 -14.42 -1.54 -28.12
CA VAL A 376 -13.49 -0.95 -27.17
C VAL A 376 -13.10 -1.92 -26.05
N PHE A 377 -14.07 -2.59 -25.45
CA PHE A 377 -13.82 -3.47 -24.29
C PHE A 377 -13.92 -4.93 -24.72
N ARG A 378 -13.00 -5.76 -24.27
CA ARG A 378 -13.13 -7.18 -24.57
C ARG A 378 -14.36 -7.75 -23.89
N ASN A 379 -14.56 -7.36 -22.64
CA ASN A 379 -15.56 -8.02 -21.83
C ASN A 379 -16.06 -7.10 -20.72
N LYS A 380 -17.01 -7.60 -19.94
CA LYS A 380 -17.59 -6.84 -18.83
C LYS A 380 -16.55 -6.45 -17.78
N ARG A 381 -15.60 -7.33 -17.49
CA ARG A 381 -14.59 -6.98 -16.48
C ARG A 381 -13.84 -5.70 -16.85
N ALA A 382 -13.39 -5.61 -18.09
CA ALA A 382 -12.69 -4.42 -18.53
C ALA A 382 -13.62 -3.22 -18.55
N GLN A 383 -14.83 -3.44 -19.04
CA GLN A 383 -15.81 -2.38 -19.19
C GLN A 383 -16.04 -1.68 -17.87
N PHE A 384 -16.27 -2.46 -16.82
CA PHE A 384 -16.60 -1.88 -15.53
C PHE A 384 -15.40 -1.42 -14.70
N TYR A 385 -14.23 -2.03 -14.92
CA TYR A 385 -13.02 -1.50 -14.28
C TYR A 385 -12.66 -0.14 -14.88
N TYR A 386 -12.86 -0.01 -16.18
CA TYR A 386 -12.64 1.29 -16.79
C TYR A 386 -13.70 2.32 -16.40
N ALA A 387 -14.94 1.89 -16.15
CA ALA A 387 -15.95 2.83 -15.62
C ALA A 387 -15.48 3.37 -14.27
N LEU A 388 -14.92 2.48 -13.47
CA LEU A 388 -14.39 2.86 -12.17
C LEU A 388 -13.19 3.81 -12.33
N ALA A 389 -12.20 3.41 -13.15
CA ALA A 389 -11.02 4.26 -13.41
C ALA A 389 -11.44 5.65 -13.91
N ASP A 390 -12.39 5.69 -14.84
CA ASP A 390 -12.86 6.96 -15.39
C ASP A 390 -13.49 7.85 -14.31
N ARG A 391 -14.35 7.26 -13.47
CA ARG A 391 -14.92 8.01 -12.36
C ARG A 391 -13.83 8.56 -11.46
N LEU A 392 -12.88 7.69 -11.11
CA LEU A 392 -11.81 8.08 -10.20
C LEU A 392 -10.97 9.23 -10.78
N TYR A 393 -10.59 9.10 -12.06
CA TYR A 393 -9.74 10.10 -12.70
C TYR A 393 -10.43 11.45 -12.77
N LEU A 394 -11.70 11.43 -13.14
CA LEU A 394 -12.50 12.63 -13.17
C LEU A 394 -12.54 13.29 -11.79
N THR A 395 -12.62 12.48 -10.73
CA THR A 395 -12.66 13.03 -9.38
C THR A 395 -11.29 13.66 -9.04
N TYR A 396 -10.22 12.96 -9.41
CA TYR A 396 -8.86 13.44 -9.18
C TYR A 396 -8.65 14.80 -9.85
N ARG A 397 -9.06 14.91 -11.11
CA ARG A 397 -8.93 16.19 -11.81
C ARG A 397 -9.79 17.27 -11.18
N ALA A 398 -10.94 16.88 -10.63
CA ALA A 398 -11.80 17.83 -9.91
C ALA A 398 -11.13 18.33 -8.64
N VAL A 399 -10.62 17.42 -7.83
CA VAL A 399 -10.05 17.75 -6.53
C VAL A 399 -8.70 18.48 -6.62
N VAL A 400 -7.82 17.97 -7.49
CA VAL A 400 -6.47 18.46 -7.60
C VAL A 400 -6.32 19.61 -8.62
N HIS A 401 -7.08 19.59 -9.71
CA HIS A 401 -6.94 20.64 -10.72
C HIS A 401 -8.17 21.54 -10.83
N GLY A 402 -9.06 21.45 -9.84
CA GLY A 402 -10.24 22.28 -9.81
C GLY A 402 -11.10 22.21 -11.06
N GLU A 403 -11.00 21.13 -11.81
CA GLU A 403 -11.80 21.01 -13.03
C GLU A 403 -13.19 20.51 -12.71
N TYR A 404 -14.21 21.23 -13.15
CA TYR A 404 -15.56 20.88 -12.76
C TYR A 404 -16.00 19.55 -13.33
N ALA A 405 -16.81 18.82 -12.56
CA ALA A 405 -17.39 17.57 -13.00
C ALA A 405 -18.69 17.36 -12.26
N ASP A 406 -19.64 16.74 -12.92
CA ASP A 406 -20.89 16.36 -12.30
C ASP A 406 -20.58 15.27 -11.24
N PRO A 407 -21.04 15.48 -9.99
CA PRO A 407 -20.91 14.46 -8.93
C PRO A 407 -21.35 13.07 -9.39
N ASP A 408 -22.38 13.01 -10.22
CA ASP A 408 -22.85 11.71 -10.72
C ASP A 408 -21.77 10.90 -11.46
N ASP A 409 -20.78 11.60 -12.04
CA ASP A 409 -19.76 10.92 -12.80
C ASP A 409 -18.49 10.71 -12.01
N MET A 410 -18.52 11.08 -10.74
CA MET A 410 -17.36 10.92 -9.89
C MET A 410 -17.53 9.72 -8.98
N LEU A 411 -16.54 9.53 -8.10
CA LEU A 411 -16.62 8.49 -7.09
C LEU A 411 -15.79 8.94 -5.90
N SER A 412 -16.43 8.94 -4.74
CA SER A 412 -15.78 9.32 -3.51
C SER A 412 -15.78 8.14 -2.53
N PHE A 413 -14.67 7.98 -1.81
CA PHE A 413 -14.63 7.01 -0.71
C PHE A 413 -14.91 7.75 0.60
N ASP A 414 -15.93 7.28 1.32
CA ASP A 414 -16.29 7.84 2.63
C ASP A 414 -15.37 7.21 3.67
N LYS A 415 -14.25 7.88 3.98
CA LYS A 415 -13.21 7.27 4.82
C LYS A 415 -13.74 6.83 6.18
N GLU A 416 -14.57 7.69 6.77
CA GLU A 416 -15.13 7.44 8.09
C GLU A 416 -16.01 6.19 8.08
N ALA A 417 -16.92 6.10 7.11
CA ALA A 417 -17.82 4.95 7.04
C ALA A 417 -17.06 3.65 6.78
N ILE A 418 -16.10 3.71 5.88
CA ILE A 418 -15.39 2.52 5.44
C ILE A 418 -14.31 2.08 6.45
N GLY A 419 -13.65 3.06 7.06
CA GLY A 419 -12.59 2.76 7.99
C GLY A 419 -11.29 2.70 7.25
N GLU A 420 -10.23 3.17 7.90
CA GLU A 420 -8.97 3.33 7.22
C GLU A 420 -8.36 2.00 6.80
N LYS A 421 -8.54 1.00 7.65
CA LYS A 421 -7.95 -0.31 7.43
C LYS A 421 -8.48 -0.95 6.13
N MET A 422 -9.80 -1.04 6.00
CA MET A 422 -10.37 -1.60 4.78
C MET A 422 -10.07 -0.74 3.55
N LEU A 423 -10.04 0.58 3.74
CA LEU A 423 -9.82 1.47 2.62
C LEU A 423 -8.43 1.23 2.04
N GLU A 424 -7.46 1.09 2.93
CA GLU A 424 -6.09 0.82 2.51
C GLU A 424 -5.91 -0.55 1.83
N LYS A 425 -6.54 -1.59 2.37
CA LYS A 425 -6.54 -2.90 1.70
C LYS A 425 -7.11 -2.79 0.27
N LEU A 426 -8.19 -2.04 0.12
CA LEU A 426 -8.83 -1.85 -1.17
C LEU A 426 -7.87 -1.15 -2.13
N PHE A 427 -7.25 -0.07 -1.65
CA PHE A 427 -6.39 0.75 -2.50
C PHE A 427 -5.21 -0.08 -2.98
N ALA A 428 -4.65 -0.87 -2.06
CA ALA A 428 -3.50 -1.73 -2.36
C ALA A 428 -3.85 -2.75 -3.44
N GLU A 429 -5.11 -3.17 -3.52
CA GLU A 429 -5.57 -4.03 -4.61
C GLU A 429 -5.88 -3.27 -5.92
N LEU A 430 -6.53 -2.13 -5.81
CA LEU A 430 -6.86 -1.34 -7.00
C LEU A 430 -5.66 -0.92 -7.84
N THR A 431 -4.56 -0.56 -7.17
CA THR A 431 -3.35 -0.09 -7.86
C THR A 431 -2.62 -1.21 -8.59
N GLN A 432 -3.09 -2.45 -8.43
CA GLN A 432 -2.46 -3.59 -9.08
C GLN A 432 -3.23 -4.10 -10.29
N ILE A 433 -4.46 -3.63 -10.45
CA ILE A 433 -5.27 -4.03 -11.61
C ILE A 433 -4.59 -3.51 -12.87
N GLN A 434 -4.28 -4.40 -13.81
CA GLN A 434 -3.58 -3.98 -15.03
C GLN A 434 -4.11 -4.49 -16.35
N ARG A 435 -3.83 -3.70 -17.37
CA ARG A 435 -4.26 -3.95 -18.74
C ARG A 435 -3.29 -4.99 -19.30
N LYS A 436 -3.77 -5.88 -20.16
CA LYS A 436 -2.82 -6.70 -20.88
C LYS A 436 -2.99 -6.50 -22.38
N PHE A 437 -2.00 -6.93 -23.16
CA PHE A 437 -2.08 -6.74 -24.60
C PHE A 437 -3.21 -7.56 -25.15
N ASN A 438 -3.82 -7.06 -26.22
CA ASN A 438 -4.94 -7.72 -26.82
C ASN A 438 -4.81 -7.63 -28.33
N ASN A 439 -4.97 -8.76 -29.02
CA ASN A 439 -4.69 -8.86 -30.46
C ASN A 439 -5.79 -8.31 -31.36
N ASN A 440 -6.83 -7.75 -30.75
CA ASN A 440 -7.87 -7.06 -31.51
C ASN A 440 -7.94 -5.59 -31.11
N GLY A 441 -6.89 -5.12 -30.47
CA GLY A 441 -6.82 -3.74 -29.99
C GLY A 441 -7.93 -3.37 -29.03
N LYS A 442 -8.52 -4.36 -28.37
CA LYS A 442 -9.53 -4.10 -27.34
C LYS A 442 -8.88 -3.89 -25.98
N LEU A 443 -9.59 -3.20 -25.11
CA LEU A 443 -9.18 -3.08 -23.72
C LEU A 443 -9.47 -4.38 -22.98
N GLU A 444 -8.43 -4.92 -22.36
CA GLU A 444 -8.59 -6.18 -21.64
C GLU A 444 -7.70 -6.16 -20.41
N LEU A 445 -8.16 -6.77 -19.33
CA LEU A 445 -7.38 -6.81 -18.12
C LEU A 445 -6.88 -8.20 -17.76
N MET A 446 -5.75 -8.22 -17.05
CA MET A 446 -5.23 -9.43 -16.43
C MET A 446 -6.32 -10.02 -15.53
N THR A 447 -6.57 -11.31 -15.66
CA THR A 447 -7.56 -12.00 -14.83
C THR A 447 -7.04 -12.13 -13.40
N LYS A 448 -7.93 -12.41 -12.47
CA LYS A 448 -7.52 -12.65 -11.08
C LYS A 448 -6.50 -13.76 -10.96
N VAL A 449 -6.78 -14.87 -11.65
CA VAL A 449 -5.85 -16.01 -11.67
C VAL A 449 -4.48 -15.63 -12.19
N GLU A 450 -4.43 -14.86 -13.27
CA GLU A 450 -3.16 -14.39 -13.83
C GLU A 450 -2.38 -13.55 -12.84
N MET A 451 -3.07 -12.62 -12.17
CA MET A 451 -2.45 -11.74 -11.17
C MET A 451 -1.79 -12.57 -10.08
N LYS A 452 -2.54 -13.54 -9.57
CA LYS A 452 -2.08 -14.38 -8.49
C LYS A 452 -0.85 -15.17 -8.92
N GLN A 453 -0.88 -15.70 -10.14
CA GLN A 453 0.25 -16.43 -10.67
C GLN A 453 1.48 -15.54 -10.88
N LYS A 454 1.33 -14.46 -11.64
CA LYS A 454 2.45 -13.60 -12.00
C LYS A 454 2.91 -12.67 -10.88
N LEU A 455 1.99 -12.13 -10.10
CA LEU A 455 2.34 -11.11 -9.12
C LEU A 455 2.55 -11.68 -7.73
N GLY A 456 2.10 -12.91 -7.52
CA GLY A 456 2.23 -13.56 -6.23
C GLY A 456 1.42 -12.88 -5.14
N ILE A 457 0.25 -12.38 -5.51
CA ILE A 457 -0.61 -11.68 -4.57
C ILE A 457 -1.92 -12.44 -4.42
N PRO A 458 -2.62 -12.23 -3.29
CA PRO A 458 -3.93 -12.87 -3.19
C PRO A 458 -4.87 -12.26 -4.21
N SER A 459 -5.90 -13.01 -4.55
CA SER A 459 -6.94 -12.52 -5.44
C SER A 459 -7.47 -11.17 -4.95
N PRO A 460 -7.56 -10.18 -5.85
CA PRO A 460 -8.04 -8.83 -5.51
C PRO A 460 -9.58 -8.72 -5.45
N ASN A 461 -10.15 -9.36 -4.44
CA ASN A 461 -11.59 -9.49 -4.33
C ASN A 461 -12.29 -8.24 -3.80
N LEU A 462 -11.56 -7.39 -3.09
CA LEU A 462 -12.17 -6.12 -2.67
C LEU A 462 -12.34 -5.24 -3.91
N ALA A 463 -11.30 -5.23 -4.75
CA ALA A 463 -11.29 -4.40 -5.93
C ALA A 463 -12.35 -4.90 -6.93
N ASP A 464 -12.44 -6.21 -7.12
CA ASP A 464 -13.46 -6.75 -8.01
C ASP A 464 -14.88 -6.46 -7.51
N ALA A 465 -15.09 -6.55 -6.20
CA ALA A 465 -16.41 -6.25 -5.63
C ALA A 465 -16.81 -4.82 -5.93
N LEU A 466 -15.86 -3.90 -5.78
CA LEU A 466 -16.14 -2.50 -6.06
C LEU A 466 -16.39 -2.31 -7.54
N MET A 467 -15.62 -3.01 -8.37
CA MET A 467 -15.81 -2.93 -9.81
C MET A 467 -17.24 -3.34 -10.19
N MET A 468 -17.72 -4.43 -9.62
CA MET A 468 -19.04 -4.93 -9.98
C MET A 468 -20.13 -3.96 -9.57
N CYS A 469 -19.88 -3.22 -8.49
CA CYS A 469 -20.72 -2.13 -8.02
C CYS A 469 -20.94 -1.03 -9.03
N MET A 470 -20.02 -0.92 -9.98
CA MET A 470 -20.15 0.11 -11.00
C MET A 470 -21.31 -0.15 -11.98
N HIS A 471 -21.82 -1.39 -12.00
CA HIS A 471 -22.80 -1.82 -12.99
C HIS A 471 -24.22 -1.86 -12.44
N CYS A 472 -25.15 -1.28 -13.19
CA CYS A 472 -26.55 -1.19 -12.80
C CYS A 472 -27.55 -1.58 -13.90
N PRO A 473 -27.60 -2.87 -14.29
CA PRO A 473 -28.37 -3.31 -15.48
C PRO A 473 -29.86 -3.44 -15.22
N ALA A 474 -30.25 -3.49 -13.95
CA ALA A 474 -31.64 -3.74 -13.62
C ALA A 474 -32.41 -2.45 -13.39
N LEU A 475 -33.45 -2.24 -14.19
CA LEU A 475 -34.29 -1.04 -14.08
C LEU A 475 -35.39 -1.28 -13.06
N VAL A 476 -35.60 -0.31 -12.18
CA VAL A 476 -36.63 -0.42 -11.15
C VAL A 476 -37.07 0.97 -10.67
N ARG A 477 -38.33 1.05 -10.25
CA ARG A 477 -38.87 2.18 -9.57
C ARG A 477 -39.68 1.59 -8.46
N GLU A 478 -39.89 2.37 -7.43
CA GLU A 478 -40.66 1.92 -6.31
C GLU A 478 -42.05 1.51 -6.77
N GLU A 479 -42.53 2.17 -7.81
CA GLU A 479 -43.87 1.97 -8.31
C GLU A 479 -43.98 0.94 -9.40
N THR A 480 -42.88 0.35 -9.81
CA THR A 480 -42.96 -0.56 -10.92
C THR A 480 -42.34 -1.91 -10.63
N GLU A 481 -42.39 -2.74 -11.63
CA GLU A 481 -41.66 -4.02 -11.58
C GLU A 481 -40.15 -3.77 -11.62
N ILE A 482 -39.36 -4.81 -11.38
CA ILE A 482 -37.96 -4.80 -11.79
C ILE A 482 -37.88 -5.26 -13.26
N TYR A 483 -37.30 -4.42 -14.12
CA TYR A 483 -37.15 -4.77 -15.53
C TYR A 483 -35.68 -4.86 -15.98
N VAL A 484 -35.29 -6.06 -16.42
CA VAL A 484 -33.94 -6.31 -16.93
C VAL A 484 -33.96 -6.51 -18.45
N PRO A 485 -33.65 -5.44 -19.22
CA PRO A 485 -33.69 -5.51 -20.69
C PRO A 485 -32.57 -6.35 -21.31
PB ADP B . 20.43 -5.69 6.63
O1B ADP B . 20.68 -5.05 5.28
O2B ADP B . 20.42 -4.73 7.78
O3B ADP B . 19.28 -6.70 6.65
PA ADP B . 22.64 -6.67 8.16
O1A ADP B . 23.46 -5.41 8.25
O2A ADP B . 21.78 -7.10 9.32
O3A ADP B . 21.75 -6.60 6.81
O5' ADP B . 23.60 -7.92 7.76
C5' ADP B . 23.00 -9.21 7.58
C4' ADP B . 23.94 -10.28 8.15
O4' ADP B . 25.16 -10.36 7.42
C3' ADP B . 24.33 -9.97 9.59
O3' ADP B . 23.41 -10.49 10.55
C2' ADP B . 25.71 -10.60 9.72
O2' ADP B . 25.53 -11.95 10.10
C1' ADP B . 26.26 -10.59 8.30
N9 ADP B . 27.23 -9.48 8.13
C8 ADP B . 26.98 -8.29 7.55
N7 ADP B . 28.09 -7.50 7.55
C5 ADP B . 29.07 -8.20 8.14
C6 ADP B . 30.49 -7.96 8.47
N6 ADP B . 31.10 -6.79 8.15
N1 ADP B . 31.16 -8.95 9.09
C2 ADP B . 30.57 -10.12 9.42
N3 ADP B . 29.28 -10.41 9.14
C4 ADP B . 28.50 -9.51 8.52
#